data_6WN0
#
_entry.id   6WN0
#
_cell.length_a   42.519
_cell.length_b   100.512
_cell.length_c   105.047
_cell.angle_alpha   90.000
_cell.angle_beta   90.000
_cell.angle_gamma   90.000
#
_symmetry.space_group_name_H-M   'P 21 21 21'
#
loop_
_entity.id
_entity.type
_entity.pdbx_description
1 polymer '4-coumaroyl-homoserine lactone synthase'
2 non-polymer 'COENZYME A'
3 non-polymer '(2S)-4-({[(2S,3S,4R,5R)-5-(6-amino-9H-purin-9-yl)-3,4-dihydroxytetrahydrofuran-2-yl]methyl}sulfanyl)-2-{[(2E)-3-(cis-4-hydroxycyclohexa-2,5-dien-1-yl)prop-2-enoyl]amino}butanoic acid'
4 water water
#
_entity_poly.entity_id   1
_entity_poly.type   'polypeptide(L)'
_entity_poly.pdbx_seq_one_letter_code
;MQVHVIRRENRALYAGLLEKYFRIRHQIYVVERGWKELDRPDGREIDQFDTEDAVYLLGVDNDDIVAGMRMVPTTSPTLL
SDVFPQLALAGPVRRPDAYELSRIFVVPRKRGEHGGPRAEAVIQAAAMEYGLSIGLSAFTIVLETWWLPRLVDQGWKAKP
LGLPQDINGFSTTAVIVDVDDDAWVGICNRRSVPGPTLEWRGLEAIRRHSLPE
;
_entity_poly.pdbx_strand_id   A,B
#
loop_
_chem_comp.id
_chem_comp.type
_chem_comp.name
_chem_comp.formula
COA non-polymer 'COENZYME A' 'C21 H36 N7 O16 P3 S'
U4Y non-polymer '(2S)-4-({[(2S,3S,4R,5R)-5-(6-amino-9H-purin-9-yl)-3,4-dihydroxytetrahydrofuran-2-yl]methyl}sulfanyl)-2-{[(2E)-3-(cis-4-hydroxycyclohexa-2,5-dien-1-yl)prop-2-enoyl]amino}butanoic acid' 'C23 H28 N6 O7 S'
#
# COMPACT_ATOMS: atom_id res chain seq x y z
N MET A 1 20.22 22.97 16.81
CA MET A 1 20.08 22.00 15.70
C MET A 1 20.19 22.71 14.35
N GLN A 2 20.86 22.06 13.41
CA GLN A 2 20.95 22.55 12.04
C GLN A 2 20.09 21.68 11.13
N VAL A 3 19.16 22.29 10.40
CA VAL A 3 18.22 21.52 9.55
C VAL A 3 18.62 21.60 8.07
N HIS A 4 19.06 20.47 7.53
CA HIS A 4 19.55 20.39 6.16
C HIS A 4 18.44 19.99 5.21
N VAL A 5 18.27 20.79 4.16
CA VAL A 5 17.40 20.42 3.03
C VAL A 5 18.17 19.44 2.15
N ILE A 6 17.61 18.24 1.98
CA ILE A 6 18.19 17.23 1.10
C ILE A 6 17.16 16.84 0.04
N ARG A 7 17.54 17.04 -1.22
CA ARG A 7 16.66 16.76 -2.35
C ARG A 7 17.49 16.30 -3.56
N ARG A 8 16.81 16.04 -4.67
CA ARG A 8 17.42 15.50 -5.89
C ARG A 8 18.74 16.20 -6.25
N GLU A 9 18.74 17.53 -6.15
CA GLU A 9 19.84 18.36 -6.66
C GLU A 9 21.10 18.34 -5.80
N ASN A 10 20.97 17.99 -4.51
CA ASN A 10 22.12 17.95 -3.61
C ASN A 10 22.29 16.61 -2.85
N ARG A 11 21.51 15.60 -3.23
CA ARG A 11 21.56 14.26 -2.62
C ARG A 11 22.96 13.66 -2.60
N ALA A 12 23.71 13.88 -3.69
CA ALA A 12 25.08 13.39 -3.86
C ALA A 12 26.03 13.88 -2.77
N LEU A 13 25.72 15.04 -2.20
CA LEU A 13 26.50 15.66 -1.13
C LEU A 13 26.21 15.08 0.25
N TYR A 14 25.13 14.29 0.34
CA TYR A 14 24.63 13.78 1.62
C TYR A 14 24.55 12.25 1.70
N ALA A 15 25.34 11.56 0.89
CA ALA A 15 25.30 10.09 0.82
C ALA A 15 25.46 9.43 2.20
N GLY A 16 26.46 9.86 2.96
CA GLY A 16 26.74 9.34 4.30
C GLY A 16 25.62 9.56 5.32
N LEU A 17 25.11 10.79 5.35
CA LEU A 17 24.03 11.14 6.27
C LEU A 17 22.73 10.39 5.94
N LEU A 18 22.46 10.20 4.64
CA LEU A 18 21.28 9.45 4.20
C LEU A 18 21.35 7.97 4.59
N GLU A 19 22.54 7.37 4.46
CA GLU A 19 22.77 6.01 4.94
C GLU A 19 22.43 5.86 6.42
N LYS A 20 22.92 6.79 7.24
CA LYS A 20 22.61 6.84 8.68
C LYS A 20 21.12 7.10 8.95
N TYR A 21 20.51 7.97 8.14
CA TYR A 21 19.08 8.30 8.21
C TYR A 21 18.16 7.07 8.11
N PHE A 22 18.34 6.25 7.07
CA PHE A 22 17.48 5.08 6.89
C PHE A 22 17.65 4.03 7.98
N ARG A 23 18.84 3.99 8.60
CA ARG A 23 19.09 3.16 9.77
C ARG A 23 18.38 3.70 11.01
N ILE A 24 18.48 5.02 11.27
CA ILE A 24 17.77 5.69 12.38
C ILE A 24 16.27 5.41 12.29
N ARG A 25 15.73 5.50 11.07
CA ARG A 25 14.32 5.18 10.82
C ARG A 25 13.95 3.75 11.21
N HIS A 26 14.85 2.79 10.98
CA HIS A 26 14.61 1.42 11.45
C HIS A 26 14.43 1.37 12.97
N GLN A 27 15.38 1.98 13.69
CA GLN A 27 15.33 2.07 15.15
C GLN A 27 14.05 2.76 15.66
N ILE A 28 13.72 3.90 15.06
CA ILE A 28 12.54 4.68 15.50
C ILE A 28 11.21 3.96 15.20
N TYR A 29 11.03 3.48 13.98
CA TYR A 29 9.73 2.98 13.54
C TYR A 29 9.53 1.48 13.76
N VAL A 30 10.51 0.68 13.31
CA VAL A 30 10.44 -0.78 13.45
C VAL A 30 10.67 -1.19 14.90
N VAL A 31 11.75 -0.70 15.51
CA VAL A 31 12.15 -1.13 16.86
C VAL A 31 11.32 -0.44 17.95
N GLU A 32 11.39 0.88 18.02
CA GLU A 32 10.75 1.63 19.11
C GLU A 32 9.21 1.63 19.03
N ARG A 33 8.66 2.08 17.90
CA ARG A 33 7.21 2.08 17.70
C ARG A 33 6.62 0.67 17.54
N GLY A 34 7.48 -0.30 17.23
CA GLY A 34 7.06 -1.69 17.00
C GLY A 34 6.32 -1.91 15.68
N TRP A 35 6.58 -1.04 14.69
CA TRP A 35 5.96 -1.15 13.38
C TRP A 35 6.72 -2.14 12.50
N LYS A 36 6.52 -3.41 12.84
CA LYS A 36 7.18 -4.55 12.17
C LYS A 36 6.85 -4.60 10.66
N GLU A 37 5.68 -4.08 10.29
CA GLU A 37 5.26 -3.98 8.88
C GLU A 37 6.24 -3.20 7.99
N LEU A 38 7.03 -2.33 8.61
CA LEU A 38 8.03 -1.51 7.91
C LEU A 38 9.44 -2.11 7.93
N ASP A 39 9.58 -3.31 8.47
CA ASP A 39 10.87 -4.01 8.50
C ASP A 39 11.28 -4.44 7.09
N ARG A 40 12.58 -4.37 6.83
CA ARG A 40 13.15 -4.73 5.54
C ARG A 40 14.38 -5.63 5.76
N PRO A 41 14.73 -6.48 4.77
CA PRO A 41 15.82 -7.46 4.94
C PRO A 41 17.17 -6.86 5.34
N ASP A 42 17.58 -5.75 4.72
CA ASP A 42 18.89 -5.13 5.02
C ASP A 42 18.92 -4.21 6.26
N GLY A 43 17.79 -4.13 6.99
CA GLY A 43 17.70 -3.33 8.21
C GLY A 43 17.50 -1.83 8.02
N ARG A 44 17.42 -1.37 6.78
CA ARG A 44 17.07 0.01 6.48
C ARG A 44 15.55 0.15 6.48
N GLU A 45 15.03 1.26 6.99
CA GLU A 45 13.60 1.54 6.89
C GLU A 45 13.42 2.55 5.76
N ILE A 46 13.07 2.00 4.60
CA ILE A 46 12.95 2.74 3.36
C ILE A 46 11.72 2.17 2.67
N ASP A 47 10.81 3.03 2.23
CA ASP A 47 9.60 2.56 1.55
C ASP A 47 9.47 3.06 0.10
N GLN A 48 8.33 2.79 -0.52
CA GLN A 48 8.07 3.12 -1.93
C GLN A 48 8.04 4.62 -2.24
N PHE A 49 7.95 5.46 -1.20
CA PHE A 49 7.90 6.92 -1.33
C PHE A 49 9.27 7.58 -1.09
N ASP A 50 10.27 6.77 -0.79
CA ASP A 50 11.64 7.24 -0.78
C ASP A 50 12.20 7.17 -2.20
N THR A 51 11.93 8.23 -2.95
CA THR A 51 12.34 8.33 -4.34
C THR A 51 13.10 9.63 -4.53
N GLU A 52 13.56 9.85 -5.77
CA GLU A 52 14.29 11.07 -6.12
C GLU A 52 13.43 12.35 -6.02
N ASP A 53 12.11 12.18 -6.03
CA ASP A 53 11.18 13.31 -5.91
C ASP A 53 10.90 13.75 -4.47
N ALA A 54 11.33 12.92 -3.52
CA ALA A 54 11.19 13.23 -2.09
C ALA A 54 12.18 14.33 -1.66
N VAL A 55 11.77 15.08 -0.63
CA VAL A 55 12.61 16.08 0.02
C VAL A 55 12.72 15.68 1.49
N TYR A 56 13.95 15.65 1.99
CA TYR A 56 14.17 15.37 3.41
C TYR A 56 14.64 16.61 4.13
N LEU A 57 14.13 16.78 5.35
CA LEU A 57 14.69 17.77 6.26
C LEU A 57 15.33 17.02 7.42
N LEU A 58 16.65 17.12 7.51
CA LEU A 58 17.41 16.40 8.54
C LEU A 58 18.04 17.34 9.53
N GLY A 59 17.64 17.18 10.79
CA GLY A 59 18.17 17.96 11.89
C GLY A 59 19.40 17.30 12.44
N VAL A 60 20.50 18.05 12.48
CA VAL A 60 21.79 17.53 12.91
C VAL A 60 22.27 18.32 14.13
N ASP A 61 22.70 17.59 15.15
CA ASP A 61 23.22 18.14 16.39
C ASP A 61 24.45 17.33 16.80
N ASN A 62 25.59 18.04 16.91
CA ASN A 62 26.87 17.45 17.33
C ASN A 62 27.19 16.17 16.54
N ASP A 63 27.18 16.32 15.21
CA ASP A 63 27.47 15.27 14.21
C ASP A 63 26.40 14.18 14.05
N ASP A 64 25.35 14.22 14.87
CA ASP A 64 24.30 13.19 14.86
C ASP A 64 22.99 13.70 14.27
N ILE A 65 22.28 12.83 13.56
CA ILE A 65 20.89 13.09 13.17
C ILE A 65 20.06 13.00 14.45
N VAL A 66 19.34 14.07 14.75
CA VAL A 66 18.49 14.10 15.95
C VAL A 66 17.00 14.29 15.67
N ALA A 67 16.68 14.68 14.44
CA ALA A 67 15.29 14.88 14.00
C ALA A 67 15.21 14.78 12.49
N GLY A 68 14.02 14.45 11.99
CA GLY A 68 13.81 14.28 10.56
C GLY A 68 12.39 14.54 10.13
N MET A 69 12.23 14.83 8.84
CA MET A 69 10.92 15.03 8.19
C MET A 69 11.09 14.67 6.72
N ARG A 70 10.12 13.94 6.19
CA ARG A 70 10.06 13.63 4.76
C ARG A 70 8.90 14.40 4.14
N MET A 71 9.13 14.90 2.93
CA MET A 71 8.10 15.60 2.15
C MET A 71 8.05 15.03 0.74
N VAL A 72 6.84 14.72 0.30
CA VAL A 72 6.61 14.15 -1.04
C VAL A 72 5.60 15.03 -1.77
N PRO A 73 5.90 15.45 -3.03
CA PRO A 73 4.91 16.23 -3.80
C PRO A 73 3.63 15.43 -4.03
N THR A 74 2.47 16.06 -3.84
CA THR A 74 1.20 15.36 -3.99
C THR A 74 0.89 14.96 -5.44
N THR A 75 1.64 15.53 -6.40
CA THR A 75 1.61 15.08 -7.80
C THR A 75 2.34 13.73 -8.01
N SER A 76 3.17 13.34 -7.05
CA SER A 76 3.80 12.01 -7.04
C SER A 76 2.92 11.09 -6.21
N PRO A 77 3.08 9.74 -6.36
CA PRO A 77 2.40 8.85 -5.41
C PRO A 77 2.69 9.20 -3.96
N THR A 78 1.64 9.22 -3.14
CA THR A 78 1.75 9.53 -1.71
C THR A 78 1.13 8.43 -0.86
N LEU A 79 1.38 8.48 0.45
CA LEU A 79 0.71 7.58 1.39
C LEU A 79 -0.80 7.68 1.23
N LEU A 80 -1.31 8.91 1.10
CA LEU A 80 -2.75 9.14 0.90
C LEU A 80 -3.29 8.55 -0.40
N SER A 81 -2.58 8.77 -1.50
CA SER A 81 -3.06 8.29 -2.80
C SER A 81 -2.96 6.77 -2.93
N ASP A 82 -1.84 6.20 -2.46
CA ASP A 82 -1.50 4.83 -2.78
C ASP A 82 -1.70 3.82 -1.66
N VAL A 83 -1.77 4.29 -0.42
CA VAL A 83 -1.88 3.39 0.74
C VAL A 83 -3.19 3.59 1.49
N PHE A 84 -3.56 4.86 1.76
CA PHE A 84 -4.77 5.16 2.53
C PHE A 84 -5.79 6.09 1.84
N PRO A 85 -6.24 5.78 0.59
CA PRO A 85 -7.18 6.70 -0.10
C PRO A 85 -8.50 6.94 0.62
N GLN A 86 -8.96 5.95 1.38
CA GLN A 86 -10.21 6.01 2.13
C GLN A 86 -10.26 7.14 3.19
N LEU A 87 -9.09 7.66 3.56
CA LEU A 87 -8.98 8.76 4.53
C LEU A 87 -9.34 10.14 3.97
N ALA A 88 -9.43 10.22 2.64
CA ALA A 88 -9.83 11.46 1.97
C ALA A 88 -11.06 11.20 1.11
N LEU A 89 -12.22 11.68 1.59
CA LEU A 89 -13.53 11.40 1.00
C LEU A 89 -13.66 11.73 -0.47
N ALA A 90 -13.28 12.96 -0.81
CA ALA A 90 -13.38 13.51 -2.16
C ALA A 90 -12.37 12.90 -3.15
N GLY A 91 -11.29 12.34 -2.61
CA GLY A 91 -10.21 11.74 -3.39
C GLY A 91 -8.85 12.25 -2.89
N PRO A 92 -7.73 11.70 -3.43
CA PRO A 92 -6.39 12.14 -3.00
C PRO A 92 -6.11 13.58 -3.40
N VAL A 93 -5.34 14.29 -2.60
CA VAL A 93 -4.90 15.63 -2.97
C VAL A 93 -3.79 15.45 -3.98
N ARG A 94 -3.91 16.13 -5.12
CA ARG A 94 -2.94 16.02 -6.22
C ARG A 94 -2.76 17.42 -6.78
N ARG A 95 -1.92 18.21 -6.10
CA ARG A 95 -1.74 19.64 -6.41
C ARG A 95 -0.26 19.99 -6.47
N PRO A 96 0.15 20.83 -7.44
CA PRO A 96 1.58 21.20 -7.55
C PRO A 96 2.09 21.99 -6.33
N ASP A 97 1.19 22.68 -5.64
CA ASP A 97 1.52 23.52 -4.47
C ASP A 97 1.18 22.86 -3.12
N ALA A 98 1.04 21.54 -3.12
CA ALA A 98 0.82 20.78 -1.89
C ALA A 98 1.76 19.58 -1.81
N TYR A 99 2.43 19.44 -0.67
CA TYR A 99 3.30 18.29 -0.37
C TYR A 99 2.74 17.50 0.79
N GLU A 100 3.00 16.19 0.78
CA GLU A 100 2.66 15.31 1.90
C GLU A 100 3.83 15.15 2.85
N LEU A 101 3.57 15.43 4.14
CA LEU A 101 4.54 15.25 5.20
C LEU A 101 4.41 13.86 5.78
N SER A 102 5.54 13.21 6.01
CA SER A 102 5.59 11.90 6.69
C SER A 102 6.93 11.70 7.41
N ARG A 103 6.99 10.62 8.18
CA ARG A 103 8.21 10.23 8.90
C ARG A 103 8.82 11.36 9.74
N ILE A 104 7.97 12.02 10.53
CA ILE A 104 8.45 12.96 11.52
C ILE A 104 9.02 12.17 12.70
N PHE A 105 10.22 12.53 13.13
CA PHE A 105 10.76 11.96 14.35
C PHE A 105 11.75 12.89 15.02
N VAL A 106 11.92 12.66 16.32
CA VAL A 106 12.98 13.22 17.12
C VAL A 106 13.57 12.02 17.87
N VAL A 107 14.89 11.87 17.85
CA VAL A 107 15.54 10.79 18.62
C VAL A 107 15.27 10.97 20.12
N PRO A 108 15.21 9.87 20.91
CA PRO A 108 14.84 9.98 22.34
C PRO A 108 15.57 11.08 23.14
N ARG A 109 16.87 11.24 22.88
CA ARG A 109 17.74 12.25 23.53
C ARG A 109 17.28 13.70 23.44
N LYS A 110 16.53 14.01 22.39
CA LYS A 110 16.10 15.39 22.14
C LYS A 110 14.59 15.62 22.28
N ARG A 111 13.88 14.60 22.76
CA ARG A 111 12.44 14.74 23.02
C ARG A 111 12.20 15.53 24.30
N GLY A 112 11.17 16.36 24.28
CA GLY A 112 10.86 17.24 25.41
C GLY A 112 11.84 18.39 25.53
N GLU A 113 11.99 18.89 26.76
CA GLU A 113 12.77 20.12 27.03
C GLU A 113 14.24 19.85 27.28
N HIS A 114 15.07 20.50 26.48
CA HIS A 114 16.52 20.46 26.66
C HIS A 114 17.04 21.90 26.66
N GLY A 115 17.95 22.23 25.74
CA GLY A 115 18.41 23.61 25.57
C GLY A 115 17.30 24.65 25.39
N GLY A 116 16.99 24.96 24.14
CA GLY A 116 16.07 26.05 23.82
C GLY A 116 14.77 25.54 23.22
N PRO A 117 14.51 25.86 21.93
CA PRO A 117 13.28 25.34 21.32
C PRO A 117 13.33 23.82 21.19
N ARG A 118 12.20 23.17 21.44
CA ARG A 118 12.09 21.71 21.32
C ARG A 118 12.36 21.27 19.88
N ALA A 119 13.09 20.17 19.76
CA ALA A 119 13.44 19.58 18.45
C ALA A 119 12.20 19.29 17.60
N GLU A 120 11.17 18.77 18.26
CA GLU A 120 9.83 18.56 17.71
C GLU A 120 9.27 19.82 17.03
N ALA A 121 9.44 20.96 17.71
CA ALA A 121 8.98 22.25 17.21
C ALA A 121 9.86 22.77 16.07
N VAL A 122 11.17 22.60 16.20
CA VAL A 122 12.14 23.05 15.18
C VAL A 122 11.94 22.33 13.84
N ILE A 123 11.76 21.00 13.87
CA ILE A 123 11.61 20.26 12.61
C ILE A 123 10.30 20.62 11.88
N GLN A 124 9.24 20.85 12.66
CA GLN A 124 7.93 21.25 12.10
C GLN A 124 7.93 22.68 11.59
N ALA A 125 8.58 23.58 12.34
CA ALA A 125 8.82 24.95 11.87
C ALA A 125 9.65 24.98 10.59
N ALA A 126 10.63 24.07 10.50
CA ALA A 126 11.46 23.93 9.30
C ALA A 126 10.65 23.50 8.09
N ALA A 127 9.65 22.64 8.30
CA ALA A 127 8.73 22.20 7.27
C ALA A 127 7.98 23.38 6.64
N MET A 128 7.38 24.21 7.48
CA MET A 128 6.74 25.44 7.08
C MET A 128 7.69 26.42 6.42
N GLU A 129 8.91 26.51 6.95
CA GLU A 129 9.97 27.33 6.38
C GLU A 129 10.23 26.93 4.93
N TYR A 130 10.35 25.62 4.69
CA TYR A 130 10.56 25.10 3.33
C TYR A 130 9.37 25.44 2.44
N GLY A 131 8.16 25.19 2.93
CA GLY A 131 6.93 25.43 2.15
C GLY A 131 6.83 26.88 1.72
N LEU A 132 7.09 27.79 2.66
CA LEU A 132 7.08 29.22 2.36
C LEU A 132 8.18 29.63 1.38
N SER A 133 9.34 29.00 1.51
CA SER A 133 10.48 29.26 0.63
C SER A 133 10.18 28.93 -0.84
N ILE A 134 9.54 27.79 -1.09
CA ILE A 134 9.23 27.38 -2.47
C ILE A 134 7.81 27.72 -2.94
N GLY A 135 7.03 28.39 -2.09
CA GLY A 135 5.69 28.83 -2.44
C GLY A 135 4.59 27.78 -2.43
N LEU A 136 4.65 26.82 -1.50
CA LEU A 136 3.55 25.88 -1.30
C LEU A 136 2.39 26.60 -0.61
N SER A 137 1.18 26.14 -0.86
CA SER A 137 0.02 26.69 -0.15
C SER A 137 -0.53 25.73 0.91
N ALA A 138 -0.12 24.45 0.84
CA ALA A 138 -0.65 23.43 1.75
C ALA A 138 0.31 22.26 1.97
N PHE A 139 0.25 21.70 3.18
CA PHE A 139 0.79 20.36 3.47
C PHE A 139 -0.34 19.39 3.75
N THR A 140 -0.30 18.23 3.11
CA THR A 140 -1.18 17.13 3.50
C THR A 140 -0.46 16.23 4.49
N ILE A 141 -1.19 15.60 5.42
CA ILE A 141 -0.58 14.66 6.35
C ILE A 141 -1.56 13.53 6.64
N VAL A 142 -1.08 12.30 6.50
CA VAL A 142 -1.77 11.14 7.08
C VAL A 142 -1.11 10.94 8.44
N LEU A 143 -1.90 11.01 9.50
CA LEU A 143 -1.36 11.00 10.87
C LEU A 143 -2.27 10.31 11.89
N GLU A 144 -1.66 9.82 12.95
CA GLU A 144 -2.39 9.31 14.11
C GLU A 144 -3.13 10.47 14.74
N THR A 145 -4.35 10.22 15.21
CA THR A 145 -5.25 11.30 15.60
C THR A 145 -4.82 12.10 16.83
N TRP A 146 -3.94 11.51 17.65
CA TRP A 146 -3.36 12.24 18.79
C TRP A 146 -2.54 13.49 18.42
N TRP A 147 -2.15 13.59 17.13
CA TRP A 147 -1.48 14.81 16.63
C TRP A 147 -2.37 16.03 16.59
N LEU A 148 -3.67 15.81 16.39
CA LEU A 148 -4.62 16.90 16.18
C LEU A 148 -4.59 18.05 17.20
N PRO A 149 -4.61 17.76 18.52
CA PRO A 149 -4.50 18.91 19.45
C PRO A 149 -3.12 19.58 19.47
N ARG A 150 -2.07 18.83 19.13
CA ARG A 150 -0.72 19.38 19.01
C ARG A 150 -0.64 20.36 17.84
N LEU A 151 -1.26 20.02 16.72
CA LEU A 151 -1.28 20.90 15.54
C LEU A 151 -2.01 22.21 15.83
N VAL A 152 -3.12 22.10 16.56
CA VAL A 152 -3.88 23.27 17.05
C VAL A 152 -2.99 24.15 17.92
N ASP A 153 -2.32 23.53 18.90
CA ASP A 153 -1.57 24.26 19.92
C ASP A 153 -0.37 25.02 19.37
N GLN A 154 0.22 24.51 18.29
CA GLN A 154 1.39 25.13 17.69
C GLN A 154 1.03 26.22 16.65
N GLY A 155 -0.26 26.44 16.44
CA GLY A 155 -0.75 27.54 15.60
C GLY A 155 -1.10 27.17 14.17
N TRP A 156 -1.12 25.88 13.87
CA TRP A 156 -1.45 25.42 12.52
C TRP A 156 -2.96 25.21 12.35
N LYS A 157 -3.41 25.37 11.11
CA LYS A 157 -4.82 25.20 10.78
C LYS A 157 -4.94 23.96 9.91
N ALA A 158 -5.30 22.84 10.55
CA ALA A 158 -5.41 21.54 9.89
C ALA A 158 -6.87 21.17 9.70
N LYS A 159 -7.27 21.00 8.45
CA LYS A 159 -8.63 20.63 8.09
C LYS A 159 -8.65 19.14 7.78
N PRO A 160 -9.59 18.37 8.39
CA PRO A 160 -9.67 16.95 8.04
C PRO A 160 -10.21 16.74 6.62
N LEU A 161 -9.65 15.75 5.94
CA LEU A 161 -10.05 15.38 4.58
C LEU A 161 -11.09 14.27 4.55
N GLY A 162 -11.38 13.73 5.74
CA GLY A 162 -12.31 12.62 5.91
C GLY A 162 -12.49 12.26 7.37
N LEU A 163 -13.19 11.15 7.62
CA LEU A 163 -13.43 10.66 8.97
C LEU A 163 -12.22 9.86 9.47
N PRO A 164 -11.97 9.88 10.81
CA PRO A 164 -10.91 9.03 11.35
C PRO A 164 -11.22 7.55 11.16
N GLN A 165 -10.18 6.75 10.94
CA GLN A 165 -10.32 5.30 10.79
C GLN A 165 -9.24 4.58 11.57
N ASP A 166 -9.59 3.40 12.07
CA ASP A 166 -8.62 2.55 12.75
C ASP A 166 -7.70 1.87 11.74
N ILE A 167 -6.44 2.27 11.75
CA ILE A 167 -5.38 1.65 10.95
C ILE A 167 -4.33 1.07 11.89
N ASN A 168 -4.03 -0.21 11.71
CA ASN A 168 -3.03 -0.96 12.50
C ASN A 168 -3.29 -0.88 14.03
N GLY A 169 -4.56 -0.87 14.40
CA GLY A 169 -5.00 -0.77 15.81
C GLY A 169 -5.25 0.63 16.35
N PHE A 170 -4.93 1.65 15.57
CA PHE A 170 -5.01 3.03 16.07
C PHE A 170 -5.69 4.01 15.14
N SER A 171 -6.38 4.98 15.76
CA SER A 171 -7.13 5.99 15.05
C SER A 171 -6.22 6.88 14.21
N THR A 172 -6.57 7.01 12.93
CA THR A 172 -5.75 7.69 11.93
C THR A 172 -6.67 8.57 11.08
N THR A 173 -6.15 9.72 10.66
CA THR A 173 -6.91 10.64 9.82
C THR A 173 -5.98 11.36 8.84
N ALA A 174 -6.53 11.85 7.74
CA ALA A 174 -5.78 12.68 6.81
C ALA A 174 -6.22 14.13 6.95
N VAL A 175 -5.24 15.03 6.99
CA VAL A 175 -5.50 16.47 7.10
C VAL A 175 -4.79 17.25 5.99
N ILE A 176 -5.31 18.44 5.72
CA ILE A 176 -4.63 19.44 4.91
C ILE A 176 -4.35 20.69 5.76
N VAL A 177 -3.09 21.10 5.78
CA VAL A 177 -2.64 22.21 6.62
C VAL A 177 -2.26 23.41 5.74
N ASP A 178 -2.75 24.59 6.10
CA ASP A 178 -2.37 25.83 5.42
C ASP A 178 -0.89 26.13 5.59
N VAL A 179 -0.24 26.47 4.47
CA VAL A 179 1.11 27.02 4.48
C VAL A 179 0.99 28.52 4.17
N ASP A 180 1.26 29.33 5.18
CA ASP A 180 1.26 30.79 5.06
C ASP A 180 2.16 31.39 6.14
N ASP A 181 2.32 32.72 6.11
CA ASP A 181 3.19 33.43 7.07
C ASP A 181 2.82 33.12 8.52
N ASP A 182 1.51 33.21 8.84
CA ASP A 182 0.99 32.91 10.17
C ASP A 182 1.28 31.51 10.68
N ALA A 183 1.24 30.53 9.78
CA ALA A 183 1.57 29.15 10.13
C ALA A 183 3.01 29.06 10.65
N TRP A 184 3.95 29.70 9.95
CA TRP A 184 5.36 29.67 10.32
C TRP A 184 5.71 30.60 11.49
N VAL A 185 5.32 31.86 11.37
CA VAL A 185 5.56 32.85 12.43
C VAL A 185 4.90 32.38 13.74
N GLY A 186 3.68 31.84 13.63
CA GLY A 186 2.95 31.22 14.75
C GLY A 186 3.71 30.19 15.55
N ILE A 187 4.21 29.13 14.90
CA ILE A 187 5.01 28.09 15.62
C ILE A 187 6.28 28.68 16.18
N CYS A 188 6.94 29.52 15.40
CA CYS A 188 8.19 30.14 15.82
C CYS A 188 7.99 30.92 17.12
N ASN A 189 6.93 31.73 17.16
CA ASN A 189 6.59 32.51 18.36
C ASN A 189 6.14 31.64 19.53
N ARG A 190 5.25 30.69 19.26
CA ARG A 190 4.72 29.80 20.32
C ARG A 190 5.76 28.85 20.89
N ARG A 191 6.80 28.55 20.10
CA ARG A 191 7.78 27.53 20.47
C ARG A 191 9.22 28.04 20.63
N SER A 192 9.41 29.36 20.53
CA SER A 192 10.74 29.99 20.64
C SER A 192 11.78 29.50 19.62
N VAL A 193 11.32 29.26 18.40
CA VAL A 193 12.20 28.98 17.26
C VAL A 193 12.72 30.31 16.71
N PRO A 194 14.06 30.52 16.67
CA PRO A 194 14.60 31.81 16.23
C PRO A 194 14.61 31.99 14.69
N GLY A 195 13.43 31.93 14.09
CA GLY A 195 13.26 32.14 12.64
C GLY A 195 13.90 31.03 11.81
N PRO A 196 14.63 31.41 10.73
CA PRO A 196 15.15 30.45 9.74
C PRO A 196 16.22 29.50 10.30
N THR A 197 16.04 28.20 10.04
CA THR A 197 17.01 27.17 10.46
C THR A 197 17.51 26.30 9.31
N LEU A 198 16.97 26.51 8.11
CA LEU A 198 17.30 25.65 6.97
C LEU A 198 18.67 25.94 6.37
N GLU A 199 19.38 24.85 6.05
CA GLU A 199 20.56 24.86 5.21
C GLU A 199 20.15 24.47 3.80
N TRP A 200 20.73 25.14 2.81
CA TRP A 200 20.45 24.87 1.40
C TRP A 200 21.75 24.56 0.66
N ARG A 201 22.50 23.60 1.19
CA ARG A 201 23.84 23.28 0.68
C ARG A 201 23.80 22.70 -0.73
N GLY A 202 24.51 23.35 -1.65
CA GLY A 202 24.53 22.94 -3.05
C GLY A 202 23.23 23.18 -3.82
N LEU A 203 22.37 24.04 -3.27
CA LEU A 203 21.06 24.30 -3.88
C LEU A 203 20.91 25.72 -4.42
N GLU A 204 22.04 26.31 -4.83
CA GLU A 204 22.10 27.70 -5.30
C GLU A 204 21.23 27.97 -6.52
N ALA A 205 21.02 26.94 -7.34
CA ALA A 205 20.15 27.02 -8.51
C ALA A 205 18.64 27.14 -8.18
N ILE A 206 18.25 26.78 -6.96
CA ILE A 206 16.84 26.79 -6.55
C ILE A 206 16.46 28.16 -6.01
N ARG A 207 15.49 28.81 -6.66
CA ARG A 207 14.98 30.09 -6.19
C ARG A 207 14.05 29.88 -5.00
N ARG A 208 14.25 30.67 -3.96
CA ARG A 208 13.26 30.74 -2.90
C ARG A 208 12.79 32.16 -2.64
N HIS A 209 11.67 32.25 -1.95
CA HIS A 209 11.04 33.52 -1.64
C HIS A 209 11.44 33.93 -0.25
N SER A 210 11.70 35.23 -0.10
CA SER A 210 12.05 35.85 1.16
C SER A 210 11.02 35.51 2.22
N LEU A 211 11.51 35.06 3.38
CA LEU A 211 10.66 34.72 4.51
C LEU A 211 10.19 36.00 5.20
N PRO A 212 8.99 35.97 5.83
CA PRO A 212 8.48 37.14 6.57
C PRO A 212 9.36 37.51 7.76
N MET B 1 -7.37 -1.96 -17.12
CA MET B 1 -6.21 -2.88 -16.94
C MET B 1 -6.27 -4.09 -17.89
N GLN B 2 -5.13 -4.74 -18.09
CA GLN B 2 -5.06 -5.96 -18.87
C GLN B 2 -4.73 -7.15 -17.96
N VAL B 3 -5.50 -8.24 -18.10
CA VAL B 3 -5.30 -9.43 -17.27
C VAL B 3 -4.52 -10.48 -18.04
N HIS B 4 -3.33 -10.83 -17.52
CA HIS B 4 -2.43 -11.80 -18.13
C HIS B 4 -2.52 -13.14 -17.45
N VAL B 5 -2.61 -14.19 -18.26
CA VAL B 5 -2.53 -15.56 -17.75
C VAL B 5 -1.06 -15.88 -17.65
N ILE B 6 -0.61 -16.23 -16.45
CA ILE B 6 0.75 -16.70 -16.23
C ILE B 6 0.69 -18.11 -15.66
N ARG B 7 1.28 -19.05 -16.38
CA ARG B 7 1.38 -20.45 -15.95
C ARG B 7 2.73 -21.04 -16.33
N ARG B 8 2.92 -22.33 -16.03
CA ARG B 8 4.20 -23.04 -16.28
C ARG B 8 4.80 -22.75 -17.67
N GLU B 9 3.97 -22.83 -18.71
CA GLU B 9 4.40 -22.79 -20.11
C GLU B 9 4.83 -21.42 -20.62
N ASN B 10 4.43 -20.35 -19.93
CA ASN B 10 4.79 -18.99 -20.35
C ASN B 10 5.44 -18.12 -19.28
N ARG B 11 5.70 -18.69 -18.10
CA ARG B 11 6.26 -17.89 -16.99
C ARG B 11 7.68 -17.35 -17.24
N ALA B 12 8.45 -18.03 -18.09
CA ALA B 12 9.75 -17.53 -18.56
C ALA B 12 9.66 -16.21 -19.32
N LEU B 13 8.44 -15.86 -19.74
CA LEU B 13 8.18 -14.59 -20.43
C LEU B 13 7.76 -13.46 -19.47
N TYR B 14 7.59 -13.79 -18.19
CA TYR B 14 7.05 -12.86 -17.19
C TYR B 14 7.94 -12.69 -15.94
N ALA B 15 9.25 -12.85 -16.11
CA ALA B 15 10.20 -12.77 -14.98
C ALA B 15 10.12 -11.45 -14.21
N GLY B 16 10.09 -10.33 -14.93
CA GLY B 16 10.02 -8.99 -14.33
C GLY B 16 8.71 -8.73 -13.61
N LEU B 17 7.61 -9.12 -14.25
CA LEU B 17 6.27 -8.94 -13.70
C LEU B 17 6.04 -9.84 -12.49
N LEU B 18 6.57 -11.06 -12.52
CA LEU B 18 6.52 -11.95 -11.35
C LEU B 18 7.34 -11.44 -10.17
N GLU B 19 8.49 -10.83 -10.47
CA GLU B 19 9.31 -10.18 -9.42
C GLU B 19 8.53 -9.06 -8.73
N LYS B 20 7.88 -8.20 -9.53
CA LYS B 20 6.99 -7.14 -9.04
C LYS B 20 5.79 -7.71 -8.24
N TYR B 21 5.28 -8.84 -8.71
CA TYR B 21 4.10 -9.49 -8.11
C TYR B 21 4.31 -9.96 -6.67
N PHE B 22 5.43 -10.63 -6.41
CA PHE B 22 5.68 -11.16 -5.07
C PHE B 22 6.05 -10.05 -4.09
N ARG B 23 6.60 -8.95 -4.61
CA ARG B 23 6.83 -7.75 -3.82
C ARG B 23 5.54 -7.01 -3.48
N ILE B 24 4.64 -6.84 -4.46
CA ILE B 24 3.32 -6.20 -4.24
C ILE B 24 2.45 -7.00 -3.26
N ARG B 25 2.54 -8.33 -3.32
CA ARG B 25 1.87 -9.18 -2.33
C ARG B 25 2.39 -8.94 -0.92
N HIS B 26 3.68 -8.65 -0.79
CA HIS B 26 4.24 -8.26 0.51
C HIS B 26 3.61 -6.97 1.00
N GLN B 27 3.46 -5.99 0.11
CA GLN B 27 2.83 -4.71 0.47
C GLN B 27 1.36 -4.86 0.87
N ILE B 28 0.62 -5.63 0.08
CA ILE B 28 -0.81 -5.84 0.29
C ILE B 28 -1.08 -6.64 1.58
N TYR B 29 -0.45 -7.80 1.70
CA TYR B 29 -0.80 -8.75 2.77
C TYR B 29 -0.02 -8.59 4.07
N VAL B 30 1.29 -8.35 3.96
CA VAL B 30 2.14 -8.23 5.15
C VAL B 30 2.09 -6.81 5.71
N VAL B 31 2.37 -5.81 4.88
CA VAL B 31 2.41 -4.44 5.42
C VAL B 31 1.04 -3.79 5.63
N GLU B 32 0.11 -3.95 4.70
CA GLU B 32 -1.18 -3.28 4.82
C GLU B 32 -2.20 -4.07 5.65
N ARG B 33 -2.36 -5.36 5.34
CA ARG B 33 -3.26 -6.22 6.12
C ARG B 33 -2.67 -6.78 7.42
N GLY B 34 -1.36 -6.69 7.57
CA GLY B 34 -0.70 -7.10 8.81
C GLY B 34 -0.66 -8.60 9.06
N TRP B 35 -0.67 -9.39 7.99
CA TRP B 35 -0.61 -10.84 8.10
C TRP B 35 0.84 -11.28 8.25
N LYS B 36 1.31 -11.23 9.50
CA LYS B 36 2.71 -11.45 9.87
C LYS B 36 3.25 -12.83 9.49
N GLU B 37 2.37 -13.84 9.50
CA GLU B 37 2.74 -15.23 9.17
C GLU B 37 3.22 -15.37 7.72
N LEU B 38 2.90 -14.38 6.89
CA LEU B 38 3.31 -14.38 5.47
C LEU B 38 4.59 -13.59 5.18
N ASP B 39 5.19 -13.04 6.23
CA ASP B 39 6.50 -12.39 6.09
C ASP B 39 7.59 -13.43 5.87
N ARG B 40 8.49 -13.14 4.93
CA ARG B 40 9.65 -13.98 4.64
C ARG B 40 10.91 -13.12 4.76
N PRO B 41 12.08 -13.74 5.10
CA PRO B 41 13.34 -12.99 5.27
C PRO B 41 13.74 -12.08 4.10
N ASP B 42 13.55 -12.53 2.85
CA ASP B 42 13.90 -11.73 1.66
C ASP B 42 12.88 -10.64 1.28
N GLY B 43 11.76 -10.60 1.99
CA GLY B 43 10.73 -9.59 1.77
C GLY B 43 9.71 -9.94 0.71
N ARG B 44 9.90 -11.06 0.02
CA ARG B 44 8.91 -11.52 -0.96
C ARG B 44 7.77 -12.22 -0.22
N GLU B 45 6.55 -12.05 -0.72
CA GLU B 45 5.41 -12.79 -0.18
C GLU B 45 5.15 -13.96 -1.12
N ILE B 46 5.82 -15.06 -0.81
CA ILE B 46 5.77 -16.31 -1.55
C ILE B 46 5.57 -17.40 -0.52
N ASP B 47 4.52 -18.20 -0.69
CA ASP B 47 4.28 -19.32 0.23
C ASP B 47 4.53 -20.68 -0.44
N GLN B 48 4.25 -21.76 0.28
CA GLN B 48 4.45 -23.13 -0.18
C GLN B 48 3.60 -23.51 -1.40
N PHE B 49 2.57 -22.71 -1.68
CA PHE B 49 1.64 -22.97 -2.79
C PHE B 49 1.99 -22.20 -4.06
N ASP B 50 3.01 -21.34 -3.97
CA ASP B 50 3.59 -20.71 -5.14
C ASP B 50 4.60 -21.66 -5.76
N THR B 51 4.11 -22.57 -6.58
CA THR B 51 4.93 -23.55 -7.30
C THR B 51 4.69 -23.37 -8.80
N GLU B 52 5.36 -24.19 -9.61
CA GLU B 52 5.19 -24.16 -11.07
C GLU B 52 3.79 -24.63 -11.52
N ASP B 53 3.09 -25.35 -10.65
CA ASP B 53 1.70 -25.80 -10.91
C ASP B 53 0.64 -24.72 -10.64
N ALA B 54 1.03 -23.63 -9.97
CA ALA B 54 0.13 -22.48 -9.80
C ALA B 54 -0.11 -21.74 -11.11
N VAL B 55 -1.26 -21.05 -11.17
CA VAL B 55 -1.64 -20.21 -12.29
C VAL B 55 -1.89 -18.83 -11.68
N TYR B 56 -1.39 -17.81 -12.35
CA TYR B 56 -1.63 -16.43 -11.91
C TYR B 56 -2.38 -15.62 -12.94
N LEU B 57 -3.32 -14.84 -12.45
CA LEU B 57 -4.01 -13.86 -13.26
C LEU B 57 -3.58 -12.50 -12.75
N LEU B 58 -2.83 -11.77 -13.58
CA LEU B 58 -2.26 -10.48 -13.17
C LEU B 58 -2.83 -9.34 -13.99
N GLY B 59 -3.49 -8.41 -13.30
CA GLY B 59 -4.02 -7.19 -13.89
C GLY B 59 -2.95 -6.13 -13.93
N VAL B 60 -2.60 -5.68 -15.13
CA VAL B 60 -1.48 -4.75 -15.34
C VAL B 60 -2.00 -3.43 -15.91
N ASP B 61 -1.48 -2.33 -15.37
CA ASP B 61 -1.81 -0.98 -15.83
C ASP B 61 -0.53 -0.14 -15.83
N ASN B 62 -0.13 0.33 -17.02
CA ASN B 62 1.07 1.18 -17.19
C ASN B 62 2.32 0.56 -16.51
N ASP B 63 2.54 -0.72 -16.82
CA ASP B 63 3.61 -1.56 -16.23
C ASP B 63 3.48 -1.90 -14.73
N ASP B 64 2.46 -1.35 -14.06
CA ASP B 64 2.21 -1.64 -12.65
C ASP B 64 1.16 -2.73 -12.49
N ILE B 65 1.38 -3.62 -11.51
CA ILE B 65 0.39 -4.61 -11.08
C ILE B 65 -0.66 -3.83 -10.28
N VAL B 66 -1.92 -3.91 -10.72
CA VAL B 66 -3.03 -3.26 -10.02
C VAL B 66 -4.04 -4.23 -9.42
N ALA B 67 -4.02 -5.49 -9.89
CA ALA B 67 -4.89 -6.54 -9.35
C ALA B 67 -4.27 -7.92 -9.57
N GLY B 68 -4.68 -8.89 -8.76
CA GLY B 68 -4.20 -10.25 -8.93
C GLY B 68 -5.10 -11.33 -8.35
N MET B 69 -4.83 -12.56 -8.78
CA MET B 69 -5.57 -13.74 -8.37
C MET B 69 -4.62 -14.93 -8.57
N ARG B 70 -4.60 -15.84 -7.61
CA ARG B 70 -3.84 -17.09 -7.73
C ARG B 70 -4.82 -18.27 -7.81
N MET B 71 -4.46 -19.27 -8.62
CA MET B 71 -5.21 -20.52 -8.71
C MET B 71 -4.27 -21.71 -8.59
N VAL B 72 -4.65 -22.67 -7.75
CA VAL B 72 -3.83 -23.85 -7.45
C VAL B 72 -4.73 -25.08 -7.67
N PRO B 73 -4.27 -26.08 -8.46
CA PRO B 73 -5.07 -27.30 -8.65
C PRO B 73 -5.36 -27.97 -7.31
N THR B 74 -6.60 -28.44 -7.10
CA THR B 74 -6.92 -29.12 -5.82
C THR B 74 -6.26 -30.50 -5.68
N THR B 75 -5.68 -31.03 -6.76
CA THR B 75 -4.85 -32.25 -6.69
C THR B 75 -3.45 -31.94 -6.14
N SER B 76 -3.08 -30.66 -6.16
CA SER B 76 -1.87 -30.16 -5.48
C SER B 76 -2.19 -29.81 -4.02
N PRO B 77 -1.16 -29.65 -3.16
CA PRO B 77 -1.41 -29.09 -1.82
C PRO B 77 -2.08 -27.73 -1.96
N THR B 78 -3.11 -27.49 -1.14
CA THR B 78 -3.86 -26.22 -1.17
C THR B 78 -3.94 -25.64 0.23
N LEU B 79 -4.37 -24.38 0.36
CA LEU B 79 -4.66 -23.78 1.66
C LEU B 79 -5.69 -24.63 2.41
N LEU B 80 -6.70 -25.11 1.68
CA LEU B 80 -7.72 -25.95 2.30
C LEU B 80 -7.18 -27.30 2.78
N SER B 81 -6.38 -27.97 1.96
CA SER B 81 -5.84 -29.29 2.33
C SER B 81 -4.82 -29.21 3.47
N ASP B 82 -3.92 -28.23 3.36
CA ASP B 82 -2.74 -28.15 4.22
C ASP B 82 -2.87 -27.26 5.44
N VAL B 83 -3.55 -26.11 5.29
CA VAL B 83 -3.56 -25.10 6.35
C VAL B 83 -4.89 -25.06 7.12
N PHE B 84 -6.01 -25.08 6.39
CA PHE B 84 -7.34 -24.94 7.00
C PHE B 84 -8.31 -26.12 6.77
N PRO B 85 -7.87 -27.39 6.93
CA PRO B 85 -8.79 -28.48 6.56
C PRO B 85 -10.03 -28.62 7.44
N GLN B 86 -9.98 -28.03 8.64
CA GLN B 86 -11.12 -28.03 9.57
C GLN B 86 -12.34 -27.28 9.03
N LEU B 87 -12.10 -26.42 8.03
CA LEU B 87 -13.16 -25.66 7.37
C LEU B 87 -14.00 -26.47 6.37
N ALA B 88 -13.50 -27.64 5.98
CA ALA B 88 -14.25 -28.58 5.14
C ALA B 88 -14.54 -29.87 5.92
N LEU B 89 -15.80 -30.05 6.29
CA LEU B 89 -16.23 -31.14 7.17
C LEU B 89 -15.80 -32.52 6.69
N ALA B 90 -16.07 -32.82 5.41
CA ALA B 90 -15.73 -34.10 4.79
C ALA B 90 -14.23 -34.32 4.60
N GLY B 91 -13.47 -33.23 4.67
CA GLY B 91 -12.06 -33.23 4.30
C GLY B 91 -11.84 -32.36 3.07
N PRO B 92 -10.57 -32.09 2.70
CA PRO B 92 -10.27 -31.22 1.56
C PRO B 92 -10.81 -31.73 0.24
N VAL B 93 -11.11 -30.79 -0.65
CA VAL B 93 -11.48 -31.10 -2.02
C VAL B 93 -10.21 -31.48 -2.77
N ARG B 94 -10.22 -32.66 -3.39
CA ARG B 94 -9.13 -33.12 -4.23
C ARG B 94 -9.70 -33.61 -5.55
N ARG B 95 -9.81 -32.68 -6.50
CA ARG B 95 -10.51 -32.94 -7.75
C ARG B 95 -9.72 -32.40 -8.93
N PRO B 96 -9.55 -33.22 -9.99
CA PRO B 96 -8.80 -32.72 -11.15
C PRO B 96 -9.53 -31.58 -11.88
N ASP B 97 -10.86 -31.49 -11.67
CA ASP B 97 -11.71 -30.47 -12.30
C ASP B 97 -12.05 -29.29 -11.36
N ALA B 98 -11.28 -29.14 -10.28
CA ALA B 98 -11.42 -27.99 -9.38
C ALA B 98 -10.06 -27.41 -8.98
N TYR B 99 -10.01 -26.07 -8.98
CA TYR B 99 -8.85 -25.31 -8.54
C TYR B 99 -9.24 -24.46 -7.33
N GLU B 100 -8.26 -24.15 -6.49
CA GLU B 100 -8.45 -23.26 -5.35
C GLU B 100 -8.03 -21.83 -5.67
N LEU B 101 -8.93 -20.88 -5.44
CA LEU B 101 -8.61 -19.46 -5.61
C LEU B 101 -8.07 -18.90 -4.32
N SER B 102 -6.99 -18.12 -4.42
CA SER B 102 -6.42 -17.42 -3.29
C SER B 102 -5.71 -16.14 -3.73
N ARG B 103 -5.30 -15.34 -2.75
CA ARG B 103 -4.58 -14.08 -3.01
C ARG B 103 -5.26 -13.17 -4.03
N ILE B 104 -6.56 -12.91 -3.80
CA ILE B 104 -7.25 -11.87 -4.57
C ILE B 104 -6.91 -10.50 -3.99
N PHE B 105 -6.49 -9.59 -4.86
CA PHE B 105 -6.25 -8.22 -4.42
C PHE B 105 -6.47 -7.21 -5.52
N VAL B 106 -6.76 -5.99 -5.10
CA VAL B 106 -6.73 -4.82 -5.96
C VAL B 106 -5.91 -3.81 -5.14
N VAL B 107 -4.95 -3.14 -5.77
CA VAL B 107 -4.14 -2.10 -5.10
C VAL B 107 -5.07 -0.96 -4.63
N PRO B 108 -4.78 -0.34 -3.46
CA PRO B 108 -5.69 0.66 -2.92
C PRO B 108 -6.20 1.73 -3.91
N ARG B 109 -5.32 2.28 -4.75
CA ARG B 109 -5.73 3.35 -5.69
C ARG B 109 -6.73 2.91 -6.78
N LYS B 110 -6.94 1.60 -6.91
CA LYS B 110 -7.87 1.05 -7.91
C LYS B 110 -9.13 0.39 -7.33
N ARG B 111 -9.26 0.38 -5.99
CA ARG B 111 -10.45 -0.20 -5.33
C ARG B 111 -11.71 0.65 -5.58
N GLY B 112 -12.88 0.02 -5.49
CA GLY B 112 -14.17 0.69 -5.70
C GLY B 112 -14.40 1.08 -7.15
N GLU B 113 -15.27 2.07 -7.37
CA GLU B 113 -15.61 2.54 -8.72
C GLU B 113 -14.64 3.63 -9.19
N HIS B 114 -14.09 3.45 -10.39
CA HIS B 114 -13.16 4.43 -11.00
C HIS B 114 -13.47 4.76 -12.47
N GLY B 115 -14.68 4.43 -12.90
CA GLY B 115 -15.05 4.47 -14.31
C GLY B 115 -14.98 3.07 -14.90
N GLY B 116 -16.06 2.64 -15.53
CA GLY B 116 -16.16 1.30 -16.09
C GLY B 116 -16.28 0.23 -15.01
N PRO B 117 -16.00 -1.05 -15.35
CA PRO B 117 -16.12 -2.13 -14.38
C PRO B 117 -15.08 -2.05 -13.25
N ARG B 118 -15.46 -2.45 -12.04
CA ARG B 118 -14.53 -2.47 -10.90
C ARG B 118 -13.43 -3.51 -11.14
N ALA B 119 -12.21 -3.17 -10.73
CA ALA B 119 -11.07 -4.08 -10.81
C ALA B 119 -11.32 -5.41 -10.09
N GLU B 120 -11.94 -5.34 -8.90
CA GLU B 120 -12.44 -6.52 -8.15
C GLU B 120 -13.30 -7.45 -9.02
N ALA B 121 -14.24 -6.87 -9.76
CA ALA B 121 -15.13 -7.61 -10.64
C ALA B 121 -14.40 -8.20 -11.86
N VAL B 122 -13.55 -7.39 -12.50
CA VAL B 122 -12.79 -7.81 -13.69
C VAL B 122 -11.92 -9.04 -13.37
N ILE B 123 -11.24 -9.02 -12.22
CA ILE B 123 -10.30 -10.09 -11.86
C ILE B 123 -11.04 -11.39 -11.52
N GLN B 124 -12.19 -11.25 -10.86
CA GLN B 124 -13.05 -12.40 -10.58
C GLN B 124 -13.71 -12.97 -11.83
N ALA B 125 -14.16 -12.09 -12.73
CA ALA B 125 -14.67 -12.53 -14.04
C ALA B 125 -13.58 -13.24 -14.83
N ALA B 126 -12.34 -12.75 -14.73
CA ALA B 126 -11.20 -13.36 -15.41
C ALA B 126 -10.94 -14.79 -14.92
N ALA B 127 -11.17 -15.03 -13.62
CA ALA B 127 -11.05 -16.35 -13.02
C ALA B 127 -12.02 -17.35 -13.65
N MET B 128 -13.29 -16.94 -13.74
CA MET B 128 -14.32 -17.75 -14.40
C MET B 128 -14.04 -17.94 -15.88
N GLU B 129 -13.52 -16.90 -16.53
CA GLU B 129 -13.10 -16.96 -17.93
C GLU B 129 -12.05 -18.05 -18.16
N TYR B 130 -11.04 -18.07 -17.29
CA TYR B 130 -10.00 -19.09 -17.29
C TYR B 130 -10.58 -20.48 -17.06
N GLY B 131 -11.41 -20.60 -16.02
CA GLY B 131 -12.04 -21.87 -15.66
C GLY B 131 -12.83 -22.50 -16.79
N LEU B 132 -13.62 -21.68 -17.47
CA LEU B 132 -14.39 -22.12 -18.64
C LEU B 132 -13.51 -22.50 -19.82
N SER B 133 -12.44 -21.73 -20.04
CA SER B 133 -11.48 -21.98 -21.10
C SER B 133 -10.86 -23.38 -21.01
N ILE B 134 -10.39 -23.76 -19.82
CA ILE B 134 -9.74 -25.08 -19.65
C ILE B 134 -10.70 -26.22 -19.25
N GLY B 135 -11.92 -25.86 -18.86
CA GLY B 135 -12.96 -26.86 -18.58
C GLY B 135 -13.11 -27.31 -17.14
N LEU B 136 -12.79 -26.43 -16.20
CA LEU B 136 -13.05 -26.68 -14.77
C LEU B 136 -14.55 -26.64 -14.50
N SER B 137 -14.98 -27.37 -13.47
CA SER B 137 -16.37 -27.33 -13.06
C SER B 137 -16.56 -26.62 -11.73
N ALA B 138 -15.47 -26.42 -10.99
CA ALA B 138 -15.56 -25.78 -9.67
C ALA B 138 -14.31 -24.99 -9.28
N PHE B 139 -14.51 -23.92 -8.51
CA PHE B 139 -13.46 -23.29 -7.74
C PHE B 139 -13.72 -23.47 -6.26
N THR B 140 -12.71 -23.91 -5.51
CA THR B 140 -12.76 -23.87 -4.05
C THR B 140 -12.12 -22.58 -3.58
N ILE B 141 -12.60 -22.06 -2.45
CA ILE B 141 -12.04 -20.85 -1.87
C ILE B 141 -12.08 -20.94 -0.34
N VAL B 142 -10.93 -20.74 0.29
CA VAL B 142 -10.90 -20.40 1.72
C VAL B 142 -10.97 -18.88 1.76
N LEU B 143 -11.97 -18.35 2.47
CA LEU B 143 -12.22 -16.90 2.48
C LEU B 143 -12.83 -16.39 3.78
N GLU B 144 -12.66 -15.10 4.03
CA GLU B 144 -13.31 -14.43 5.14
C GLU B 144 -14.82 -14.37 4.84
N THR B 145 -15.62 -14.54 5.89
CA THR B 145 -17.08 -14.77 5.74
C THR B 145 -17.83 -13.59 5.10
N TRP B 146 -17.29 -12.38 5.20
CA TRP B 146 -17.88 -11.21 4.53
C TRP B 146 -17.91 -11.29 2.99
N TRP B 147 -17.19 -12.25 2.40
CA TRP B 147 -17.26 -12.50 0.95
C TRP B 147 -18.58 -13.12 0.51
N LEU B 148 -19.25 -13.82 1.43
CA LEU B 148 -20.43 -14.61 1.05
C LEU B 148 -21.54 -13.81 0.35
N PRO B 149 -21.97 -12.65 0.91
CA PRO B 149 -22.93 -11.84 0.14
C PRO B 149 -22.39 -11.26 -1.18
N ARG B 150 -21.08 -11.02 -1.24
CA ARG B 150 -20.45 -10.51 -2.47
C ARG B 150 -20.53 -11.53 -3.61
N LEU B 151 -20.31 -12.80 -3.28
CA LEU B 151 -20.41 -13.89 -4.25
C LEU B 151 -21.84 -14.07 -4.79
N VAL B 152 -22.82 -14.01 -3.88
CA VAL B 152 -24.25 -14.03 -4.24
C VAL B 152 -24.58 -12.88 -5.19
N ASP B 153 -24.17 -11.67 -4.83
CA ASP B 153 -24.50 -10.45 -5.55
C ASP B 153 -23.95 -10.39 -6.98
N GLN B 154 -22.76 -10.96 -7.19
CA GLN B 154 -22.11 -11.00 -8.49
C GLN B 154 -22.55 -12.19 -9.35
N GLY B 155 -23.47 -13.00 -8.82
CA GLY B 155 -24.11 -14.07 -9.60
C GLY B 155 -23.44 -15.43 -9.52
N TRP B 156 -22.61 -15.65 -8.50
CA TRP B 156 -21.98 -16.94 -8.30
C TRP B 156 -22.76 -17.79 -7.31
N LYS B 157 -22.61 -19.10 -7.47
CA LYS B 157 -23.28 -20.07 -6.61
C LYS B 157 -22.23 -20.80 -5.80
N ALA B 158 -22.08 -20.35 -4.55
CA ALA B 158 -21.08 -20.86 -3.62
C ALA B 158 -21.73 -21.67 -2.51
N LYS B 159 -21.28 -22.92 -2.35
CA LYS B 159 -21.78 -23.79 -1.27
C LYS B 159 -20.74 -23.90 -0.18
N PRO B 160 -21.15 -23.71 1.10
CA PRO B 160 -20.23 -23.92 2.22
C PRO B 160 -19.78 -25.38 2.35
N LEU B 161 -18.49 -25.58 2.62
CA LEU B 161 -17.94 -26.93 2.81
C LEU B 161 -17.93 -27.33 4.28
N GLY B 162 -18.21 -26.37 5.15
CA GLY B 162 -18.27 -26.60 6.59
C GLY B 162 -18.83 -25.41 7.33
N LEU B 163 -18.60 -25.40 8.63
CA LEU B 163 -19.04 -24.31 9.50
C LEU B 163 -17.98 -23.23 9.53
N PRO B 164 -18.40 -21.95 9.69
CA PRO B 164 -17.40 -20.89 9.82
C PRO B 164 -16.61 -21.02 11.12
N GLN B 165 -15.38 -20.50 11.09
CA GLN B 165 -14.53 -20.51 12.28
C GLN B 165 -13.73 -19.22 12.37
N ASP B 166 -13.46 -18.78 13.60
CA ASP B 166 -12.65 -17.59 13.85
C ASP B 166 -11.15 -17.89 13.64
N ILE B 167 -10.65 -17.47 12.49
CA ILE B 167 -9.23 -17.60 12.12
C ILE B 167 -8.60 -16.22 12.26
N ASN B 168 -7.58 -16.14 13.13
CA ASN B 168 -6.90 -14.88 13.50
C ASN B 168 -7.90 -13.80 13.96
N GLY B 169 -8.91 -14.23 14.73
CA GLY B 169 -9.94 -13.33 15.25
C GLY B 169 -11.07 -12.94 14.30
N PHE B 170 -11.00 -13.42 13.05
CA PHE B 170 -12.03 -13.09 12.06
C PHE B 170 -12.67 -14.33 11.45
N SER B 171 -13.97 -14.26 11.20
CA SER B 171 -14.77 -15.39 10.70
C SER B 171 -14.31 -15.80 9.30
N THR B 172 -14.05 -17.10 9.15
CA THR B 172 -13.50 -17.68 7.92
C THR B 172 -14.26 -18.97 7.59
N THR B 173 -14.53 -19.17 6.31
CA THR B 173 -15.18 -20.40 5.83
C THR B 173 -14.52 -20.91 4.54
N ALA B 174 -14.88 -22.12 4.14
CA ALA B 174 -14.46 -22.68 2.86
C ALA B 174 -15.69 -22.93 2.00
N VAL B 175 -15.61 -22.54 0.74
CA VAL B 175 -16.71 -22.71 -0.20
C VAL B 175 -16.26 -23.41 -1.48
N ILE B 176 -17.22 -24.03 -2.16
CA ILE B 176 -17.07 -24.52 -3.51
C ILE B 176 -18.07 -23.77 -4.42
N VAL B 177 -17.56 -23.22 -5.51
CA VAL B 177 -18.31 -22.37 -6.43
C VAL B 177 -18.41 -23.08 -7.79
N ASP B 178 -19.61 -23.15 -8.34
CA ASP B 178 -19.83 -23.70 -9.67
C ASP B 178 -19.12 -22.86 -10.74
N VAL B 179 -18.35 -23.52 -11.60
CA VAL B 179 -17.81 -22.90 -12.80
C VAL B 179 -18.67 -23.36 -13.98
N ASP B 180 -19.45 -22.42 -14.51
CA ASP B 180 -20.34 -22.68 -15.64
C ASP B 180 -20.62 -21.38 -16.38
N ASP B 181 -21.27 -21.48 -17.54
CA ASP B 181 -21.61 -20.33 -18.37
C ASP B 181 -22.34 -19.24 -17.59
N ASP B 182 -23.33 -19.64 -16.78
CA ASP B 182 -24.11 -18.70 -15.95
C ASP B 182 -23.26 -17.88 -14.98
N ALA B 183 -22.24 -18.52 -14.38
CA ALA B 183 -21.34 -17.84 -13.44
C ALA B 183 -20.56 -16.70 -14.11
N TRP B 184 -20.05 -16.97 -15.32
CA TRP B 184 -19.26 -15.98 -16.05
C TRP B 184 -20.13 -14.90 -16.68
N VAL B 185 -21.18 -15.31 -17.41
CA VAL B 185 -22.13 -14.36 -18.01
C VAL B 185 -22.78 -13.50 -16.91
N GLY B 186 -23.10 -14.14 -15.77
CA GLY B 186 -23.68 -13.47 -14.61
C GLY B 186 -22.86 -12.32 -14.09
N ILE B 187 -21.60 -12.58 -13.77
CA ILE B 187 -20.71 -11.53 -13.25
C ILE B 187 -20.48 -10.42 -14.27
N CYS B 188 -20.24 -10.81 -15.53
CA CYS B 188 -20.04 -9.86 -16.64
C CYS B 188 -21.21 -8.87 -16.78
N ASN B 189 -22.44 -9.40 -16.74
CA ASN B 189 -23.65 -8.59 -16.84
C ASN B 189 -23.87 -7.72 -15.59
N ARG B 190 -23.76 -8.33 -14.41
CA ARG B 190 -23.99 -7.62 -13.15
C ARG B 190 -22.95 -6.53 -12.86
N ARG B 191 -21.74 -6.70 -13.40
CA ARG B 191 -20.63 -5.81 -13.10
C ARG B 191 -20.08 -5.01 -14.29
N SER B 192 -20.75 -5.10 -15.44
CA SER B 192 -20.37 -4.39 -16.68
C SER B 192 -18.96 -4.74 -17.18
N VAL B 193 -18.59 -6.02 -17.04
CA VAL B 193 -17.34 -6.51 -17.59
C VAL B 193 -17.64 -6.89 -19.05
N PRO B 194 -16.92 -6.28 -20.02
CA PRO B 194 -17.24 -6.46 -21.43
C PRO B 194 -16.70 -7.77 -22.04
N GLY B 195 -17.16 -8.90 -21.52
CA GLY B 195 -16.77 -10.22 -22.02
C GLY B 195 -15.33 -10.61 -21.72
N PRO B 196 -14.68 -11.36 -22.65
CA PRO B 196 -13.34 -11.88 -22.38
C PRO B 196 -12.27 -10.80 -22.21
N THR B 197 -11.38 -10.97 -21.23
CA THR B 197 -10.32 -10.00 -20.93
C THR B 197 -8.91 -10.61 -20.83
N LEU B 198 -8.80 -11.93 -21.01
CA LEU B 198 -7.53 -12.61 -20.77
C LEU B 198 -6.55 -12.47 -21.93
N GLU B 199 -5.30 -12.20 -21.58
CA GLU B 199 -4.19 -12.37 -22.51
C GLU B 199 -3.60 -13.76 -22.32
N TRP B 200 -3.26 -14.40 -23.43
CA TRP B 200 -2.70 -15.75 -23.39
C TRP B 200 -1.33 -15.79 -24.08
N ARG B 201 -0.45 -14.87 -23.69
CA ARG B 201 0.89 -14.71 -24.28
C ARG B 201 1.73 -15.98 -24.16
N GLY B 202 2.13 -16.51 -25.32
CA GLY B 202 2.96 -17.72 -25.39
C GLY B 202 2.23 -19.00 -25.03
N LEU B 203 0.90 -18.96 -25.10
CA LEU B 203 0.06 -20.10 -24.70
C LEU B 203 -0.79 -20.68 -25.86
N GLU B 204 -0.29 -20.51 -27.09
CA GLU B 204 -0.94 -21.02 -28.30
C GLU B 204 -1.19 -22.53 -28.28
N ALA B 205 -0.27 -23.27 -27.68
CA ALA B 205 -0.36 -24.74 -27.59
C ALA B 205 -1.37 -25.26 -26.56
N ILE B 206 -2.00 -24.37 -25.80
CA ILE B 206 -2.99 -24.76 -24.78
C ILE B 206 -4.39 -24.84 -25.40
N ARG B 207 -5.07 -25.96 -25.15
CA ARG B 207 -6.47 -26.16 -25.57
C ARG B 207 -7.39 -25.21 -24.81
N ARG B 208 -8.26 -24.53 -25.56
CA ARG B 208 -9.27 -23.65 -24.96
C ARG B 208 -10.64 -23.88 -25.56
N HIS B 209 -11.61 -24.18 -24.69
CA HIS B 209 -13.01 -24.22 -25.08
C HIS B 209 -13.47 -22.83 -25.49
N SER B 210 -14.33 -22.77 -26.49
CA SER B 210 -15.02 -21.55 -26.89
C SER B 210 -15.87 -21.04 -25.73
N LEU B 211 -15.73 -19.77 -25.41
CA LEU B 211 -16.54 -19.13 -24.37
C LEU B 211 -18.00 -18.96 -24.85
N PRO B 212 -18.96 -18.90 -23.90
CA PRO B 212 -20.35 -18.66 -24.30
C PRO B 212 -20.56 -17.25 -24.84
N GLU B 213 -21.66 -17.05 -25.59
CA GLU B 213 -22.00 -15.74 -26.15
C GLU B 213 -22.61 -14.83 -25.07
N1A COA C . 1.22 7.78 20.98
C2A COA C . 0.44 8.69 21.60
N3A COA C . 0.89 9.91 21.96
C4A COA C . 2.17 10.30 21.70
C5A COA C . 3.08 9.36 21.02
C6A COA C . 2.51 8.03 20.66
N6A COA C . 3.27 7.10 20.03
N7A COA C . 4.26 9.99 20.90
C8A COA C . 4.13 11.22 21.46
N9A COA C . 2.88 11.41 21.93
C1B COA C . 2.36 12.63 22.60
C2B COA C . 2.12 12.32 24.06
O2B COA C . 1.00 13.09 24.49
C3B COA C . 3.40 12.81 24.71
O3B COA C . 3.27 13.12 26.09
P3B COA C . 3.20 11.95 27.20
O7A COA C . 4.01 10.78 26.70
O8A COA C . 3.80 12.64 28.41
O9A COA C . 1.72 11.66 27.31
C4B COA C . 3.75 14.04 23.89
O4B COA C . 3.32 13.70 22.57
C5B COA C . 5.23 14.39 23.94
O5B COA C . 5.96 13.38 23.25
P1A COA C . 7.50 13.06 23.59
O1A COA C . 7.90 11.86 22.78
O2A COA C . 7.69 13.00 25.08
O3A COA C . 8.34 14.37 23.12
P2A COA C . 8.26 15.25 21.78
O4A COA C . 6.93 15.96 21.70
O5A COA C . 9.50 16.08 21.77
O6A COA C . 8.36 14.20 20.56
CBP COA C . 7.60 12.84 18.69
CCP COA C . 7.20 13.73 19.86
CDP COA C . 6.32 12.27 18.07
CEP COA C . 8.31 13.72 17.66
CAP COA C . 8.53 11.72 19.22
OAP COA C . 7.94 10.99 20.31
C9P COA C . 8.99 10.74 18.16
O9P COA C . 9.93 11.02 17.42
N8P COA C . 8.34 9.56 18.12
C7P COA C . 8.62 8.52 17.15
C6P COA C . 8.19 8.90 15.73
C5P COA C . 6.69 9.02 15.60
O5P COA C . 5.94 8.34 16.30
N4P COA C . 6.26 9.89 14.67
C3P COA C . 4.91 9.88 14.13
C2P COA C . 4.72 8.83 13.03
S1P COA C . 5.69 9.33 11.58
C6 U4Y D . 3.87 2.45 3.87
C2 U4Y D . 2.03 1.05 4.32
O2 U4Y D . 2.04 9.88 11.06
N3 U4Y D . 1.89 1.58 5.56
C4 U4Y D . 2.74 2.55 5.99
C5 U4Y D . 3.76 3.01 5.14
C5' U4Y D . -0.43 5.14 10.14
C4' U4Y D . 0.38 3.93 9.67
O4' U4Y D . 1.01 4.13 8.40
C1' U4Y D . 1.93 3.05 8.28
C8 U4Y D . 3.87 4.09 7.03
C7 U4Y D . 2.94 12.55 11.07
C2' U4Y D . 2.60 2.97 9.65
C3' U4Y D . 1.49 3.44 10.60
O3' U4Y D . 0.97 2.35 11.37
C3 U4Y D . 2.94 11.78 9.98
C1 U4Y D . 2.67 10.32 10.11
N U4Y D . 3.17 9.59 9.20
CA U4Y D . 3.11 8.12 9.16
C U4Y D . 4.43 7.59 8.65
OXT U4Y D . 5.14 8.31 7.91
O U4Y D . 4.78 6.46 9.00
CB U4Y D . 1.97 7.64 8.25
CG U4Y D . 0.59 7.55 8.91
SD U4Y D . 0.52 6.59 10.39
O2' U4Y D . 3.08 1.64 9.92
N9 U4Y D . 2.84 3.23 7.13
N7 U4Y D . 4.44 3.97 5.82
N1 U4Y D . 3.01 1.48 3.48
N6 U4Y D . 4.85 2.87 3.02
C9 U4Y D . 3.23 14.02 11.12
C10 U4Y D . 4.04 14.63 10.16
C11 U4Y D . 4.34 16.00 10.25
C12 U4Y D . 3.85 16.76 11.31
C13 U4Y D . 3.06 16.14 12.29
C14 U4Y D . 2.76 14.78 12.20
O15 U4Y D . 4.13 17.99 11.38
N1A COA E . -12.74 -6.76 6.13
C2A COA E . -14.09 -6.68 6.03
N3A COA E . -14.71 -6.27 4.91
C4A COA E . -14.02 -5.88 3.80
C5A COA E . -12.55 -5.92 3.84
C6A COA E . -11.92 -6.41 5.10
N6A COA E . -10.57 -6.49 5.22
N7A COA E . -12.11 -5.49 2.64
C8A COA E . -13.20 -5.19 1.90
N9A COA E . -14.35 -5.42 2.58
C1B COA E . -15.72 -5.19 2.07
C2B COA E . -16.36 -4.04 2.82
O2B COA E . -17.75 -4.32 2.93
C3B COA E . -16.11 -2.85 1.92
O3B COA E . -17.01 -1.76 2.16
P3B COA E . -16.82 -0.76 3.41
O7A COA E . -17.78 0.37 3.12
O8A COA E . -17.20 -1.59 4.62
O9A COA E . -15.36 -0.36 3.40
C4B COA E . -16.25 -3.46 0.53
O4B COA E . -15.73 -4.79 0.69
C5B COA E . -15.49 -2.72 -0.54
O5B COA E . -14.09 -2.93 -0.35
P1A COA E . -13.03 -1.94 -1.00
O1A COA E . -11.65 -2.38 -0.57
O2A COA E . -13.47 -0.52 -0.69
O3A COA E . -13.17 -2.10 -2.61
P2A COA E . -13.08 -3.39 -3.59
O4A COA E . -14.37 -4.17 -3.48
O5A COA E . -12.70 -2.77 -4.91
O6A COA E . -11.87 -4.30 -3.11
CBP COA E . -10.69 -6.18 -2.10
CCP COA E . -12.02 -5.46 -2.30
CDP COA E . -10.90 -7.26 -1.05
CEP COA E . -10.32 -6.85 -3.42
CAP COA E . -9.61 -5.15 -1.67
OAP COA E . -10.00 -4.46 -0.46
C9P COA E . -8.23 -5.72 -1.48
O9P COA E . -7.54 -5.96 -2.47
N8P COA E . -7.82 -5.91 -0.22
C7P COA E . -6.54 -6.51 0.11
C6P COA E . -6.44 -7.99 -0.29
C5P COA E . -7.43 -8.83 0.47
O5P COA E . -7.76 -8.54 1.61
N4P COA E . -7.91 -9.91 -0.14
C3P COA E . -8.53 -10.94 0.66
C2P COA E . -8.47 -12.29 0.00
S1P COA E . -6.77 -12.86 -0.29
C6 U4Y F . -0.20 -19.79 4.33
C2 U4Y F . -0.54 -20.04 6.65
O2 U4Y F . -9.32 -15.05 1.33
N3 U4Y F . -1.52 -19.11 6.63
C4 U4Y F . -1.88 -18.49 5.46
C5 U4Y F . -1.21 -18.82 4.28
C5' U4Y F . -7.40 -16.69 6.28
C4' U4Y F . -5.92 -16.52 6.63
O4' U4Y F . -5.05 -17.37 5.87
C1' U4Y F . -3.72 -16.93 6.12
C8 U4Y F . -2.70 -17.30 3.83
C7 U4Y F . -10.44 -15.00 -1.22
C2' U4Y F . -3.87 -15.42 6.02
C3' U4Y F . -5.29 -15.14 6.50
O3' U4Y F . -5.28 -14.51 7.79
C3 U4Y F . -9.41 -15.79 -0.90
C1 U4Y F . -8.75 -15.65 0.42
N U4Y F . -7.58 -16.15 0.51
CA U4Y F . -6.68 -16.08 1.67
C U4Y F . -5.28 -15.85 1.17
OXT U4Y F . -5.00 -16.12 -0.01
O U4Y F . -4.41 -15.36 1.93
CB U4Y F . -6.76 -17.33 2.53
CG U4Y F . -7.93 -17.38 3.50
SD U4Y F . -7.93 -16.08 4.70
O2' U4Y F . -2.86 -14.80 6.81
N9 U4Y F . -2.78 -17.54 5.15
N7 U4Y F . -1.74 -18.07 3.30
N1 U4Y F . 0.12 -20.37 5.52
N6 U4Y F . 0.46 -20.15 3.20
C9 U4Y F . -11.17 -14.95 -2.51
C10 U4Y F . -10.63 -15.51 -3.68
C11 U4Y F . -11.34 -15.39 -4.88
C12 U4Y F . -12.56 -14.70 -4.94
C13 U4Y F . -13.08 -14.12 -3.77
C14 U4Y F . -12.39 -14.24 -2.56
O15 U4Y F . -13.17 -14.62 -6.03
#